data_5T5L
#
_entry.id   5T5L
#
_cell.length_a   44.865
_cell.length_b   88.502
_cell.length_c   110.783
_cell.angle_alpha   90.000
_cell.angle_beta   90.000
_cell.angle_gamma   90.000
#
_symmetry.space_group_name_H-M   'P 21 21 21'
#
loop_
_entity.id
_entity.type
_entity.pdbx_description
1 polymer Lectin
2 polymer 'TN ANTIGEN ACE-SER-SER-VAL-GLY'
3 non-polymer 'CALCIUM ION'
4 non-polymer 1,2-ETHANEDIOL
5 non-polymer GLYCEROL
6 non-polymer 'CHLORIDE ION'
7 non-polymer 2-acetamido-2-deoxy-alpha-D-galactopyranose
8 water water
#
loop_
_entity_poly.entity_id
_entity_poly.type
_entity_poly.pdbx_seq_one_letter_code
_entity_poly.pdbx_strand_id
1 'polypeptide(L)'
;SELSFNYPNFQSVEDITFQGGASPRNETLQLTPTDSNGIPIRQRAGHAVYSQPFQLRDTSFYTTFTFVIRTTSNSPADGF
AIFIAPPDFPVKRYGGYLGLFEPNTATNTSANKVVAVEFDTWVNTEWKEPRYRHIGIDVNSIVSVRVTRWQDKDVFSRSI
ATAHVGYDGISKILTAFVTYPDGGNYVLSHVVDLAEIFPGDVRIGFSGATGQYETQYIHSWSFSSTSTNLLRDGARHHHH
HH
;
A,B
2 'polypeptide(L)' (ACE)SSVG a,b
#
loop_
_chem_comp.id
_chem_comp.type
_chem_comp.name
_chem_comp.formula
A2G D-saccharide, alpha linking 2-acetamido-2-deoxy-alpha-D-galactopyranose 'C8 H15 N O6'
ACE non-polymer 'ACETYL GROUP' 'C2 H4 O'
CA non-polymer 'CALCIUM ION' 'Ca 2'
CL non-polymer 'CHLORIDE ION' 'Cl -1'
EDO non-polymer 1,2-ETHANEDIOL 'C2 H6 O2'
GOL non-polymer GLYCEROL 'C3 H8 O3'
#
# COMPACT_ATOMS: atom_id res chain seq x y z
N SER A 1 -3.48 -17.37 9.74
CA SER A 1 -3.14 -17.32 11.20
C SER A 1 -2.52 -15.99 11.51
N GLU A 2 -2.38 -15.69 12.80
CA GLU A 2 -1.89 -14.42 13.30
C GLU A 2 -0.37 -14.56 13.62
N LEU A 3 0.42 -13.69 13.11
CA LEU A 3 1.89 -13.61 13.30
C LEU A 3 2.23 -12.14 13.17
N SER A 4 3.18 -11.70 14.00
CA SER A 4 3.74 -10.36 13.87
C SER A 4 5.22 -10.41 14.21
N PHE A 5 6.04 -9.63 13.52
CA PHE A 5 7.44 -9.45 13.84
C PHE A 5 7.88 -8.09 13.40
N ASN A 6 9.04 -7.66 13.93
CA ASN A 6 9.54 -6.35 13.65
C ASN A 6 11.06 -6.30 13.85
N TYR A 7 11.77 -6.09 12.76
CA TYR A 7 13.21 -5.93 12.70
C TYR A 7 13.57 -4.54 12.20
N PRO A 8 13.79 -3.56 13.12
CA PRO A 8 14.17 -2.23 12.67
C PRO A 8 15.59 -2.22 12.05
N ASN A 9 16.37 -3.20 12.46
CA ASN A 9 17.66 -3.49 11.87
C ASN A 9 17.87 -4.98 12.12
N PHE A 10 18.98 -5.54 11.59
CA PHE A 10 19.30 -6.96 11.73
C PHE A 10 20.55 -7.18 12.60
N GLN A 11 20.66 -6.43 13.68
CA GLN A 11 21.62 -6.80 14.75
C GLN A 11 21.21 -8.09 15.44
N SER A 12 19.91 -8.37 15.41
CA SER A 12 19.41 -9.69 15.69
C SER A 12 18.84 -10.31 14.45
N VAL A 13 19.15 -11.60 14.23
CA VAL A 13 18.56 -12.42 13.21
C VAL A 13 17.99 -13.68 13.87
N GLU A 14 17.48 -13.53 15.09
CA GLU A 14 17.06 -14.68 15.87
C GLU A 14 16.10 -15.64 15.16
N ASP A 15 15.16 -15.07 14.42
CA ASP A 15 14.15 -15.79 13.71
C ASP A 15 14.34 -15.84 12.23
N ILE A 16 15.50 -15.52 11.72
CA ILE A 16 15.76 -15.52 10.27
C ILE A 16 16.62 -16.74 9.88
N THR A 17 16.18 -17.45 8.88
CA THR A 17 16.92 -18.57 8.30
C THR A 17 17.54 -18.11 7.02
N PHE A 18 18.87 -18.38 6.92
CA PHE A 18 19.76 -18.01 5.68
C PHE A 18 19.99 -19.34 4.96
N GLN A 19 19.81 -19.30 3.65
CA GLN A 19 20.14 -20.46 2.83
C GLN A 19 20.83 -19.99 1.56
N GLY A 20 21.60 -20.91 0.97
CA GLY A 20 22.36 -20.54 -0.21
C GLY A 20 23.39 -19.47 0.08
N GLY A 21 23.48 -18.49 -0.77
CA GLY A 21 24.48 -17.46 -0.64
C GLY A 21 24.12 -16.27 0.20
N ALA A 22 22.99 -16.27 0.91
CA ALA A 22 22.59 -15.15 1.76
C ALA A 22 23.27 -15.22 3.16
N SER A 23 23.46 -14.06 3.78
CA SER A 23 24.07 -14.03 5.06
C SER A 23 23.74 -12.73 5.76
N PRO A 24 23.93 -12.68 7.09
CA PRO A 24 23.79 -11.41 7.81
C PRO A 24 25.07 -10.63 7.67
N ARG A 25 25.02 -9.37 7.31
CA ARG A 25 26.21 -8.56 7.20
C ARG A 25 25.90 -7.09 7.54
N ASN A 26 26.75 -6.48 8.33
CA ASN A 26 26.59 -5.03 8.60
C ASN A 26 25.15 -4.64 8.93
N GLU A 27 24.51 -5.40 9.81
CA GLU A 27 23.16 -5.11 10.35
C GLU A 27 22.07 -5.21 9.28
N THR A 28 22.35 -5.92 8.17
CA THR A 28 21.44 -6.13 7.07
C THR A 28 21.31 -7.61 6.76
N LEU A 29 20.34 -7.93 5.90
CA LEU A 29 20.30 -9.23 5.22
C LEU A 29 20.96 -9.03 3.85
N GLN A 30 22.09 -9.71 3.62
CA GLN A 30 22.81 -9.64 2.33
C GLN A 30 22.39 -10.86 1.52
N LEU A 31 21.66 -10.65 0.43
CA LEU A 31 20.97 -11.78 -0.21
C LEU A 31 21.86 -12.61 -1.11
N THR A 32 22.91 -12.00 -1.67
CA THR A 32 23.86 -12.70 -2.51
C THR A 32 25.27 -12.41 -2.01
N PRO A 33 26.24 -13.30 -2.27
CA PRO A 33 27.51 -13.19 -1.62
C PRO A 33 28.49 -12.29 -2.34
N THR A 34 29.44 -11.80 -1.56
CA THR A 34 30.56 -11.06 -2.06
C THR A 34 31.85 -11.75 -1.61
N ASP A 35 32.89 -11.63 -2.43
CA ASP A 35 34.15 -12.25 -2.09
C ASP A 35 34.99 -11.42 -1.11
N SER A 36 36.21 -11.86 -0.79
CA SER A 36 36.99 -11.32 0.30
C SER A 36 37.43 -9.89 -0.01
N ASN A 37 37.35 -9.53 -1.29
CA ASN A 37 37.56 -8.16 -1.78
C ASN A 37 36.31 -7.31 -1.98
N GLY A 38 35.15 -7.83 -1.57
CA GLY A 38 33.90 -7.12 -1.65
C GLY A 38 33.21 -7.13 -3.02
N ILE A 39 33.70 -7.97 -3.93
CA ILE A 39 33.18 -8.02 -5.26
C ILE A 39 32.00 -9.02 -5.31
N PRO A 40 30.88 -8.64 -5.95
CA PRO A 40 29.77 -9.58 -6.09
C PRO A 40 30.16 -10.84 -6.80
N ILE A 41 29.80 -11.98 -6.25
CA ILE A 41 30.10 -13.26 -6.86
C ILE A 41 29.02 -13.60 -7.89
N ARG A 42 29.45 -13.99 -9.10
CA ARG A 42 28.51 -14.28 -10.18
C ARG A 42 27.82 -15.60 -9.95
N GLN A 43 26.63 -15.74 -10.50
CA GLN A 43 25.89 -17.01 -10.54
C GLN A 43 25.69 -17.62 -9.16
N ARG A 44 25.12 -16.80 -8.26
CA ARG A 44 24.73 -17.31 -6.95
C ARG A 44 23.33 -16.84 -6.59
N ALA A 45 22.65 -17.61 -5.76
CA ALA A 45 21.34 -17.21 -5.23
C ALA A 45 21.37 -17.43 -3.72
N GLY A 46 20.49 -16.70 -3.01
CA GLY A 46 20.34 -16.86 -1.59
C GLY A 46 18.96 -16.49 -1.11
N HIS A 47 18.56 -17.10 -0.01
CA HIS A 47 17.30 -16.74 0.66
C HIS A 47 17.58 -16.33 2.09
N ALA A 48 16.78 -15.36 2.58
CA ALA A 48 16.70 -15.02 4.00
C ALA A 48 15.23 -15.00 4.35
N VAL A 49 14.80 -15.93 5.20
CA VAL A 49 13.38 -16.16 5.40
C VAL A 49 13.01 -16.07 6.85
N TYR A 50 11.79 -15.61 7.16
CA TYR A 50 11.33 -15.69 8.54
C TYR A 50 11.06 -17.13 8.88
N SER A 51 11.61 -17.64 9.98
CA SER A 51 11.68 -19.07 10.19
C SER A 51 10.38 -19.73 10.51
N GLN A 52 9.43 -19.01 11.08
CA GLN A 52 8.18 -19.61 11.57
C GLN A 52 7.14 -19.68 10.48
N PRO A 53 6.56 -20.87 10.23
CA PRO A 53 5.47 -20.94 9.25
C PRO A 53 4.22 -20.31 9.77
N PHE A 54 3.37 -19.92 8.83
CA PHE A 54 2.05 -19.43 9.14
C PHE A 54 1.08 -19.94 8.09
N GLN A 55 -0.20 -19.73 8.31
CA GLN A 55 -1.24 -20.17 7.40
C GLN A 55 -1.93 -18.96 6.78
N LEU A 56 -2.42 -19.16 5.58
CA LEU A 56 -3.09 -18.12 4.80
C LEU A 56 -4.60 -18.22 4.75
N ARG A 57 -5.19 -19.28 5.27
CA ARG A 57 -6.65 -19.37 5.22
C ARG A 57 -7.27 -18.25 6.05
N ASP A 58 -8.21 -17.52 5.49
CA ASP A 58 -8.93 -16.48 6.22
C ASP A 58 -7.98 -15.46 6.90
N THR A 59 -6.99 -15.00 6.14
CA THR A 59 -5.92 -14.17 6.66
C THR A 59 -5.68 -13.00 5.71
N SER A 60 -5.43 -11.83 6.30
CA SER A 60 -4.85 -10.68 5.64
C SER A 60 -3.47 -10.40 6.23
N PHE A 61 -2.56 -9.78 5.45
CA PHE A 61 -1.29 -9.40 6.03
C PHE A 61 -0.83 -8.08 5.46
N TYR A 62 0.09 -7.45 6.22
CA TYR A 62 0.78 -6.26 5.83
C TYR A 62 2.27 -6.45 6.17
N THR A 63 3.15 -6.17 5.22
CA THR A 63 4.56 -6.18 5.47
C THR A 63 5.22 -5.02 4.82
N THR A 64 6.28 -4.53 5.47
CA THR A 64 7.07 -3.44 4.90
C THR A 64 8.53 -3.74 5.13
N PHE A 65 9.38 -3.32 4.20
CA PHE A 65 10.82 -3.48 4.34
C PHE A 65 11.49 -2.35 3.63
N THR A 66 12.76 -2.13 4.03
CA THR A 66 13.62 -1.20 3.31
C THR A 66 14.78 -1.95 2.70
N PHE A 67 15.26 -1.47 1.55
CA PHE A 67 16.25 -2.21 0.80
C PHE A 67 17.18 -1.27 0.06
N VAL A 68 18.35 -1.80 -0.28
CA VAL A 68 19.33 -1.10 -1.11
C VAL A 68 19.82 -2.09 -2.16
N ILE A 69 19.91 -1.61 -3.40
CA ILE A 69 20.64 -2.34 -4.46
C ILE A 69 21.98 -1.67 -4.66
N ARG A 70 23.07 -2.37 -4.44
N ARG A 70 23.07 -2.40 -4.50
CA ARG A 70 24.40 -1.87 -4.70
C ARG A 70 24.92 -2.39 -6.00
C ARG A 70 24.90 -2.41 -6.02
N THR A 71 25.15 -1.53 -6.98
CA THR A 71 25.66 -1.94 -8.26
C THR A 71 27.07 -1.48 -8.43
N THR A 72 27.82 -2.23 -9.24
CA THR A 72 29.24 -1.91 -9.51
C THR A 72 29.46 -1.69 -11.01
N SER A 73 28.36 -1.69 -11.79
CA SER A 73 28.37 -1.36 -13.20
C SER A 73 26.95 -0.94 -13.68
N ASN A 74 26.87 -0.42 -14.91
CA ASN A 74 25.58 -0.14 -15.55
C ASN A 74 24.85 -1.35 -16.10
N SER A 75 25.38 -2.56 -15.88
CA SER A 75 24.76 -3.78 -16.34
C SER A 75 24.61 -4.78 -15.17
N PRO A 76 23.92 -4.38 -14.10
CA PRO A 76 23.75 -5.31 -12.95
C PRO A 76 22.77 -6.45 -13.29
N ALA A 77 22.89 -7.55 -12.60
CA ALA A 77 21.90 -8.62 -12.69
C ALA A 77 21.97 -9.41 -11.40
N ASP A 78 20.85 -9.97 -10.89
CA ASP A 78 19.56 -10.11 -11.52
C ASP A 78 18.40 -9.44 -10.80
N GLY A 79 18.55 -9.15 -9.52
CA GLY A 79 17.52 -8.56 -8.73
C GLY A 79 17.19 -9.41 -7.49
N PHE A 80 16.02 -9.15 -6.92
CA PHE A 80 15.59 -9.89 -5.74
C PHE A 80 14.05 -9.87 -5.69
N ALA A 81 13.52 -10.65 -4.76
CA ALA A 81 12.09 -10.71 -4.57
C ALA A 81 11.78 -10.95 -3.14
N ILE A 82 10.58 -10.50 -2.71
CA ILE A 82 9.93 -11.01 -1.49
C ILE A 82 8.97 -12.08 -1.94
N PHE A 83 8.93 -13.23 -1.25
CA PHE A 83 8.16 -14.38 -1.74
C PHE A 83 7.51 -15.08 -0.59
N ILE A 84 6.46 -15.84 -0.98
CA ILE A 84 5.75 -16.79 -0.14
C ILE A 84 5.80 -18.15 -0.82
N ALA A 85 6.10 -19.20 -0.03
CA ALA A 85 6.22 -20.53 -0.54
C ALA A 85 6.10 -21.50 0.65
N PRO A 86 5.99 -22.81 0.38
CA PRO A 86 5.96 -23.77 1.50
C PRO A 86 7.21 -23.71 2.35
N PRO A 87 7.15 -24.25 3.58
CA PRO A 87 8.28 -24.09 4.50
C PRO A 87 9.56 -24.78 4.10
N ASP A 88 9.46 -25.81 3.25
CA ASP A 88 10.61 -26.51 2.75
C ASP A 88 11.00 -26.06 1.38
N PHE A 89 10.58 -24.88 0.94
CA PHE A 89 11.00 -24.36 -0.37
C PHE A 89 12.50 -24.05 -0.30
N PRO A 90 13.32 -24.62 -1.19
CA PRO A 90 14.77 -24.41 -1.16
C PRO A 90 15.19 -23.26 -2.05
N VAL A 91 16.46 -22.87 -1.94
CA VAL A 91 17.03 -21.94 -2.90
C VAL A 91 17.12 -22.64 -4.25
N LYS A 92 16.56 -22.01 -5.30
CA LYS A 92 16.60 -22.54 -6.65
C LYS A 92 17.65 -21.80 -7.49
N ARG A 93 17.44 -21.74 -8.81
CA ARG A 93 18.55 -21.38 -9.68
C ARG A 93 18.86 -19.89 -9.60
N TYR A 94 20.18 -19.62 -9.71
CA TYR A 94 20.72 -18.27 -9.85
C TYR A 94 20.40 -17.65 -11.19
N GLY A 95 20.94 -16.48 -11.45
CA GLY A 95 20.60 -15.76 -12.63
C GLY A 95 19.16 -15.28 -12.63
N GLY A 96 18.59 -15.24 -13.84
CA GLY A 96 17.28 -14.60 -13.99
C GLY A 96 16.14 -15.33 -13.34
N TYR A 97 16.39 -16.55 -12.87
CA TYR A 97 15.39 -17.30 -12.10
C TYR A 97 15.22 -16.79 -10.68
N LEU A 98 16.10 -15.86 -10.25
CA LEU A 98 15.92 -15.13 -9.02
C LEU A 98 15.95 -15.98 -7.77
N GLY A 99 16.52 -17.21 -7.86
CA GLY A 99 16.49 -18.12 -6.73
C GLY A 99 15.17 -18.80 -6.46
N LEU A 100 14.20 -18.62 -7.37
CA LEU A 100 12.82 -19.05 -7.15
C LEU A 100 12.32 -20.12 -8.11
N PHE A 101 13.04 -20.36 -9.19
CA PHE A 101 12.59 -21.25 -10.29
C PHE A 101 13.81 -22.03 -10.79
N GLU A 102 13.56 -23.01 -11.68
CA GLU A 102 14.63 -23.70 -12.39
C GLU A 102 14.31 -23.67 -13.84
N PRO A 103 15.35 -23.82 -14.69
CA PRO A 103 15.15 -23.65 -16.11
C PRO A 103 14.03 -24.46 -16.74
N ASN A 104 13.91 -25.72 -16.40
CA ASN A 104 13.01 -26.54 -17.18
C ASN A 104 11.55 -26.43 -16.87
N THR A 105 11.19 -25.65 -15.84
CA THR A 105 9.83 -25.44 -15.41
C THR A 105 9.53 -23.98 -15.07
N ALA A 106 10.43 -23.05 -15.34
CA ALA A 106 10.26 -21.68 -14.83
C ALA A 106 9.03 -20.97 -15.31
N THR A 107 8.49 -21.32 -16.50
CA THR A 107 7.30 -20.68 -17.03
C THR A 107 6.08 -21.56 -16.96
N ASN A 108 6.18 -22.69 -16.27
CA ASN A 108 5.11 -23.68 -16.19
C ASN A 108 4.35 -23.49 -14.91
N THR A 109 3.18 -22.87 -14.97
CA THR A 109 2.46 -22.53 -13.74
C THR A 109 1.97 -23.76 -13.01
N SER A 110 1.78 -24.89 -13.69
CA SER A 110 1.35 -26.10 -12.99
C SER A 110 2.48 -26.75 -12.21
N ALA A 111 3.73 -26.36 -12.45
CA ALA A 111 4.90 -26.99 -11.88
C ALA A 111 5.51 -26.22 -10.73
N ASN A 112 4.95 -25.09 -10.33
CA ASN A 112 5.49 -24.24 -9.28
C ASN A 112 4.41 -23.89 -8.29
N LYS A 113 4.81 -23.62 -7.05
CA LYS A 113 3.93 -23.07 -6.02
C LYS A 113 4.72 -22.03 -5.22
N VAL A 114 4.71 -20.81 -5.75
CA VAL A 114 5.47 -19.67 -5.21
C VAL A 114 4.87 -18.40 -5.74
N VAL A 115 4.67 -17.44 -4.84
CA VAL A 115 4.17 -16.10 -5.20
C VAL A 115 5.18 -15.09 -4.76
N ALA A 116 5.45 -14.08 -5.59
CA ALA A 116 6.52 -13.15 -5.25
C ALA A 116 6.22 -11.76 -5.80
N VAL A 117 6.87 -10.75 -5.19
CA VAL A 117 7.00 -9.42 -5.77
C VAL A 117 8.50 -9.30 -6.09
N GLU A 118 8.79 -9.16 -7.41
CA GLU A 118 10.17 -9.13 -7.89
C GLU A 118 10.57 -7.74 -8.25
N PHE A 119 11.88 -7.49 -8.07
CA PHE A 119 12.59 -6.27 -8.41
C PHE A 119 13.68 -6.70 -9.37
N ASP A 120 13.42 -6.54 -10.66
CA ASP A 120 14.17 -7.25 -11.72
C ASP A 120 15.07 -6.26 -12.45
N THR A 121 16.40 -6.44 -12.27
CA THR A 121 17.39 -5.53 -12.81
C THR A 121 17.92 -5.91 -14.18
N TRP A 122 17.57 -7.09 -14.70
CA TRP A 122 18.17 -7.60 -15.93
C TRP A 122 17.07 -8.13 -16.84
N VAL A 123 16.99 -7.56 -18.02
CA VAL A 123 15.99 -7.93 -19.00
C VAL A 123 16.40 -9.29 -19.66
N ASN A 124 15.70 -10.38 -19.30
CA ASN A 124 16.02 -11.69 -19.87
C ASN A 124 15.40 -11.83 -21.22
N THR A 125 16.15 -12.49 -22.10
CA THR A 125 15.68 -12.85 -23.43
C THR A 125 15.15 -14.28 -23.44
N GLU A 126 15.36 -15.05 -22.40
CA GLU A 126 15.06 -16.47 -22.40
C GLU A 126 13.60 -16.78 -22.13
N TRP A 127 12.82 -15.78 -21.69
CA TRP A 127 11.40 -15.87 -21.50
C TRP A 127 10.88 -14.45 -21.68
N LYS A 128 9.56 -14.34 -21.73
CA LYS A 128 8.96 -13.04 -21.97
C LYS A 128 9.09 -12.13 -20.74
N GLU A 129 9.67 -10.97 -20.94
N GLU A 129 9.69 -10.96 -20.95
CA GLU A 129 9.58 -9.92 -19.95
CA GLU A 129 9.94 -9.87 -19.96
C GLU A 129 9.80 -8.56 -20.61
C GLU A 129 9.69 -8.58 -20.67
N PRO A 130 9.33 -7.50 -19.97
CA PRO A 130 9.40 -6.19 -20.60
C PRO A 130 10.82 -5.81 -21.00
N ARG A 131 10.94 -4.86 -21.92
CA ARG A 131 12.26 -4.44 -22.42
C ARG A 131 12.96 -3.43 -21.53
N TYR A 132 12.57 -3.35 -20.29
CA TYR A 132 13.15 -2.39 -19.35
C TYR A 132 13.15 -3.08 -17.98
N ARG A 133 13.99 -2.56 -17.08
CA ARG A 133 13.96 -3.01 -15.71
C ARG A 133 12.54 -2.84 -15.14
N HIS A 134 12.14 -3.68 -14.21
CA HIS A 134 10.73 -3.72 -13.87
C HIS A 134 10.53 -4.31 -12.48
N ILE A 135 9.37 -3.97 -11.91
CA ILE A 135 8.88 -4.57 -10.68
C ILE A 135 7.63 -5.36 -11.07
N GLY A 136 7.49 -6.60 -10.57
CA GLY A 136 6.40 -7.47 -10.99
C GLY A 136 5.85 -8.32 -9.89
N ILE A 137 4.61 -8.79 -10.12
CA ILE A 137 4.01 -9.83 -9.30
C ILE A 137 4.10 -11.11 -10.08
N ASP A 138 4.65 -12.14 -9.42
CA ASP A 138 4.82 -13.46 -10.01
C ASP A 138 3.95 -14.45 -9.27
N VAL A 139 3.21 -15.23 -10.05
CA VAL A 139 2.35 -16.31 -9.53
C VAL A 139 2.74 -17.57 -10.26
N ASN A 140 3.58 -18.39 -9.62
CA ASN A 140 3.92 -19.71 -10.13
C ASN A 140 4.68 -19.70 -11.47
N SER A 141 5.31 -18.60 -11.82
CA SER A 141 6.08 -18.48 -13.05
C SER A 141 7.00 -17.26 -12.95
N ILE A 142 8.14 -17.34 -13.63
CA ILE A 142 9.06 -16.19 -13.75
C ILE A 142 8.55 -15.13 -14.73
N VAL A 143 7.51 -15.46 -15.51
CA VAL A 143 6.86 -14.49 -16.39
C VAL A 143 5.77 -13.81 -15.57
N SER A 144 6.00 -12.58 -15.15
CA SER A 144 5.11 -11.90 -14.21
C SER A 144 3.69 -11.77 -14.77
N VAL A 145 2.73 -11.87 -13.88
CA VAL A 145 1.30 -11.68 -14.23
C VAL A 145 0.94 -10.19 -14.24
N ARG A 146 1.70 -9.34 -13.56
CA ARG A 146 1.49 -7.89 -13.52
C ARG A 146 2.88 -7.33 -13.42
N VAL A 147 3.20 -6.35 -14.27
CA VAL A 147 4.54 -5.83 -14.32
C VAL A 147 4.54 -4.39 -14.70
N THR A 148 5.45 -3.58 -14.13
CA THR A 148 5.55 -2.19 -14.41
C THR A 148 7.00 -1.76 -14.55
N ARG A 149 7.22 -0.67 -15.27
CA ARG A 149 8.56 -0.18 -15.44
C ARG A 149 9.13 0.32 -14.10
N TRP A 150 10.40 -0.01 -13.87
CA TRP A 150 11.16 0.47 -12.73
C TRP A 150 12.20 1.44 -13.29
N GLN A 151 12.08 2.71 -12.93
CA GLN A 151 12.92 3.73 -13.55
C GLN A 151 14.38 3.56 -13.19
N ASP A 152 15.25 3.68 -14.19
CA ASP A 152 16.69 3.53 -13.94
C ASP A 152 17.20 4.52 -12.92
N LYS A 153 16.65 5.74 -12.87
CA LYS A 153 17.10 6.69 -11.85
C LYS A 153 16.92 6.13 -10.44
N ASP A 154 15.82 5.39 -10.25
CA ASP A 154 15.59 4.78 -8.93
C ASP A 154 16.44 3.53 -8.75
N VAL A 155 16.53 2.66 -9.78
CA VAL A 155 17.38 1.47 -9.67
C VAL A 155 18.76 1.82 -9.17
N PHE A 156 19.37 2.83 -9.78
CA PHE A 156 20.77 3.21 -9.53
C PHE A 156 20.93 4.33 -8.49
N SER A 157 19.88 4.63 -7.77
CA SER A 157 19.88 5.76 -6.86
C SER A 157 20.84 5.66 -5.70
N ARG A 158 21.16 4.44 -5.28
CA ARG A 158 21.90 4.21 -4.04
C ARG A 158 21.05 4.51 -2.81
N SER A 159 19.76 4.73 -2.96
CA SER A 159 18.90 5.10 -1.86
C SER A 159 18.43 3.88 -1.10
N ILE A 160 18.06 4.12 0.16
CA ILE A 160 17.26 3.14 0.91
C ILE A 160 15.81 3.32 0.51
N ALA A 161 15.29 2.39 -0.26
CA ALA A 161 13.93 2.40 -0.75
C ALA A 161 13.04 1.67 0.19
N THR A 162 11.72 1.91 0.08
CA THR A 162 10.74 1.25 0.91
C THR A 162 9.74 0.49 0.08
N ALA A 163 9.40 -0.72 0.50
CA ALA A 163 8.28 -1.47 -0.10
C ALA A 163 7.26 -1.73 0.97
N HIS A 164 5.99 -1.72 0.53
CA HIS A 164 4.85 -2.10 1.33
C HIS A 164 4.11 -3.18 0.53
N VAL A 165 3.90 -4.35 1.13
CA VAL A 165 3.19 -5.43 0.45
C VAL A 165 2.04 -5.84 1.33
N GLY A 166 0.85 -5.90 0.76
CA GLY A 166 -0.35 -6.27 1.52
C GLY A 166 -1.14 -7.31 0.80
N TYR A 167 -1.84 -8.11 1.59
CA TYR A 167 -2.78 -9.10 1.03
C TYR A 167 -4.09 -8.93 1.77
N ASP A 168 -5.15 -8.68 1.00
CA ASP A 168 -6.50 -8.58 1.54
C ASP A 168 -7.15 -9.94 1.34
N GLY A 169 -7.32 -10.67 2.45
CA GLY A 169 -7.86 -12.01 2.34
C GLY A 169 -9.35 -12.08 2.04
N ILE A 170 -10.07 -10.98 2.13
CA ILE A 170 -11.50 -10.99 1.74
C ILE A 170 -11.62 -10.80 0.24
N SER A 171 -10.97 -9.77 -0.30
CA SER A 171 -11.02 -9.52 -1.74
C SER A 171 -10.04 -10.37 -2.58
N LYS A 172 -9.11 -11.02 -1.89
CA LYS A 172 -8.13 -11.89 -2.56
C LYS A 172 -7.21 -11.08 -3.48
N ILE A 173 -6.64 -10.03 -2.93
CA ILE A 173 -5.80 -9.09 -3.71
C ILE A 173 -4.47 -8.88 -3.02
N LEU A 174 -3.39 -9.10 -3.81
CA LEU A 174 -2.01 -8.78 -3.40
C LEU A 174 -1.61 -7.45 -4.02
N THR A 175 -1.04 -6.56 -3.19
CA THR A 175 -0.67 -5.23 -3.64
C THR A 175 0.73 -4.92 -3.17
N ALA A 176 1.53 -4.28 -4.04
CA ALA A 176 2.80 -3.69 -3.63
C ALA A 176 2.79 -2.21 -3.95
N PHE A 177 3.27 -1.40 -2.96
CA PHE A 177 3.66 -0.01 -3.19
C PHE A 177 5.13 0.10 -2.91
N VAL A 178 5.89 0.73 -3.82
CA VAL A 178 7.33 0.90 -3.65
C VAL A 178 7.59 2.38 -3.75
N THR A 179 8.40 2.91 -2.83
CA THR A 179 8.70 4.33 -2.81
C THR A 179 10.18 4.58 -2.68
N TYR A 180 10.62 5.62 -3.34
CA TYR A 180 12.00 6.09 -3.28
C TYR A 180 12.03 7.50 -2.73
N PRO A 181 12.99 7.83 -1.82
CA PRO A 181 13.08 9.20 -1.29
C PRO A 181 13.43 10.20 -2.40
N ASP A 182 12.62 11.19 -2.59
CA ASP A 182 12.82 12.11 -3.70
C ASP A 182 12.89 11.43 -5.09
N GLY A 183 12.22 10.28 -5.23
CA GLY A 183 12.21 9.49 -6.46
C GLY A 183 10.85 8.96 -6.79
N GLY A 184 10.83 7.84 -7.50
CA GLY A 184 9.60 7.33 -8.01
C GLY A 184 8.78 6.57 -6.97
N ASN A 185 7.49 6.47 -7.25
CA ASN A 185 6.54 5.61 -6.55
C ASN A 185 5.94 4.63 -7.56
N TYR A 186 5.64 3.42 -7.08
CA TYR A 186 5.19 2.31 -7.90
C TYR A 186 4.03 1.62 -7.24
N VAL A 187 3.00 1.27 -8.02
CA VAL A 187 1.81 0.61 -7.50
C VAL A 187 1.48 -0.58 -8.37
N LEU A 188 1.34 -1.76 -7.81
CA LEU A 188 0.94 -2.93 -8.60
C LEU A 188 0.04 -3.82 -7.74
N SER A 189 -1.03 -4.28 -8.34
CA SER A 189 -1.95 -5.19 -7.65
C SER A 189 -2.41 -6.31 -8.53
N HIS A 190 -2.84 -7.38 -7.90
CA HIS A 190 -3.31 -8.56 -8.66
C HIS A 190 -4.27 -9.35 -7.82
N VAL A 191 -5.37 -9.79 -8.45
CA VAL A 191 -6.31 -10.72 -7.82
C VAL A 191 -5.72 -12.14 -7.83
N VAL A 192 -5.49 -12.71 -6.65
CA VAL A 192 -4.97 -14.09 -6.54
C VAL A 192 -5.39 -14.62 -5.20
N ASP A 193 -5.98 -15.83 -5.22
CA ASP A 193 -6.43 -16.50 -4.00
C ASP A 193 -5.29 -17.29 -3.41
N LEU A 194 -4.57 -16.69 -2.47
CA LEU A 194 -3.39 -17.32 -1.89
C LEU A 194 -3.69 -18.56 -1.09
N ALA A 195 -4.86 -18.63 -0.44
CA ALA A 195 -5.17 -19.80 0.32
C ALA A 195 -5.49 -21.00 -0.59
N GLU A 196 -5.95 -20.74 -1.81
CA GLU A 196 -6.14 -21.80 -2.78
C GLU A 196 -4.82 -22.38 -3.26
N ILE A 197 -3.83 -21.52 -3.48
CA ILE A 197 -2.51 -21.95 -3.89
C ILE A 197 -1.80 -22.68 -2.75
N PHE A 198 -1.97 -22.18 -1.52
CA PHE A 198 -1.24 -22.62 -0.35
C PHE A 198 -2.26 -23.05 0.73
N PRO A 199 -2.81 -24.26 0.59
CA PRO A 199 -3.74 -24.71 1.62
C PRO A 199 -3.15 -25.09 2.98
N GLY A 200 -1.82 -25.25 3.04
CA GLY A 200 -1.15 -25.57 4.27
C GLY A 200 -0.33 -24.45 4.80
N ASP A 201 0.84 -24.72 5.31
CA ASP A 201 1.72 -23.71 5.88
C ASP A 201 2.60 -23.07 4.80
N VAL A 202 3.00 -21.84 5.08
CA VAL A 202 3.96 -21.11 4.25
C VAL A 202 4.98 -20.41 5.12
N ARG A 203 6.08 -19.99 4.48
CA ARG A 203 6.98 -18.99 5.05
C ARG A 203 7.09 -17.83 4.08
N ILE A 204 7.42 -16.65 4.63
CA ILE A 204 7.70 -15.46 3.84
C ILE A 204 9.18 -15.12 3.98
N GLY A 205 9.76 -14.61 2.89
CA GLY A 205 11.17 -14.24 2.93
C GLY A 205 11.60 -13.57 1.68
N PHE A 206 12.91 -13.45 1.53
CA PHE A 206 13.54 -12.78 0.40
C PHE A 206 14.47 -13.74 -0.34
N SER A 207 14.49 -13.56 -1.65
CA SER A 207 15.39 -14.32 -2.53
C SER A 207 16.14 -13.35 -3.40
N GLY A 208 17.48 -13.46 -3.50
CA GLY A 208 18.25 -12.63 -4.43
C GLY A 208 19.11 -13.51 -5.31
N ALA A 209 19.50 -12.98 -6.48
CA ALA A 209 20.37 -13.75 -7.36
C ALA A 209 21.24 -12.85 -8.19
N THR A 210 22.43 -13.40 -8.49
CA THR A 210 23.32 -12.89 -9.50
C THR A 210 23.47 -14.00 -10.56
N GLY A 211 23.95 -13.67 -11.76
CA GLY A 211 24.14 -12.32 -12.25
C GLY A 211 25.54 -11.80 -12.08
N GLN A 212 25.64 -10.49 -11.93
CA GLN A 212 26.93 -9.79 -12.00
C GLN A 212 26.76 -8.40 -11.43
N TYR A 213 27.79 -7.90 -10.77
CA TYR A 213 27.90 -6.45 -10.50
C TYR A 213 26.78 -5.93 -9.63
N GLU A 214 26.24 -6.75 -8.75
CA GLU A 214 25.09 -6.37 -7.96
C GLU A 214 25.08 -7.14 -6.65
N THR A 215 24.70 -6.44 -5.57
CA THR A 215 24.39 -7.08 -4.29
C THR A 215 23.09 -6.41 -3.78
N GLN A 216 22.20 -7.21 -3.20
CA GLN A 216 20.91 -6.77 -2.69
C GLN A 216 20.91 -6.89 -1.17
N TYR A 217 20.46 -5.84 -0.48
CA TYR A 217 20.46 -5.78 0.96
C TYR A 217 19.08 -5.40 1.51
N ILE A 218 18.65 -6.08 2.54
CA ILE A 218 17.44 -5.69 3.27
C ILE A 218 17.85 -5.07 4.57
N HIS A 219 17.41 -3.83 4.83
CA HIS A 219 17.83 -3.08 6.00
C HIS A 219 16.85 -3.15 7.19
N SER A 220 15.58 -3.36 6.94
CA SER A 220 14.57 -3.44 8.03
C SER A 220 13.40 -4.23 7.46
N TRP A 221 12.57 -4.79 8.35
CA TRP A 221 11.43 -5.57 7.92
C TRP A 221 10.46 -5.74 9.08
N SER A 222 9.17 -5.51 8.82
CA SER A 222 8.16 -5.81 9.76
C SER A 222 6.97 -6.46 9.05
N PHE A 223 6.15 -7.16 9.83
CA PHE A 223 5.07 -7.98 9.30
C PHE A 223 3.97 -8.09 10.32
N SER A 224 2.73 -8.09 9.87
CA SER A 224 1.59 -8.48 10.72
C SER A 224 0.54 -9.15 9.89
N SER A 225 -0.06 -10.20 10.43
CA SER A 225 -1.18 -10.87 9.84
C SER A 225 -2.32 -10.96 10.84
N THR A 226 -3.54 -11.00 10.30
CA THR A 226 -4.76 -11.03 11.11
C THR A 226 -5.78 -11.92 10.42
N SER A 227 -6.67 -12.48 11.24
CA SER A 227 -7.76 -13.27 10.71
C SER A 227 -8.84 -12.37 10.12
N THR A 228 -9.44 -12.83 9.03
CA THR A 228 -10.60 -12.15 8.38
C THR A 228 -11.94 -12.69 8.84
N ASN A 229 -11.94 -13.69 9.73
CA ASN A 229 -13.14 -14.45 10.13
C ASN A 229 -13.83 -13.81 11.32
N SER B 1 -3.66 11.19 -16.35
CA SER B 1 -2.59 12.20 -16.60
C SER B 1 -1.61 12.22 -15.41
N GLU B 2 -0.49 12.97 -15.58
CA GLU B 2 0.58 13.02 -14.63
C GLU B 2 0.52 14.32 -13.80
N LEU B 3 0.56 14.13 -12.50
CA LEU B 3 0.46 15.18 -11.50
C LEU B 3 1.23 14.68 -10.31
N SER B 4 1.99 15.56 -9.69
CA SER B 4 2.59 15.28 -8.39
C SER B 4 2.56 16.51 -7.52
N PHE B 5 2.48 16.26 -6.20
CA PHE B 5 2.56 17.35 -5.23
C PHE B 5 3.03 16.75 -3.92
N ASN B 6 3.56 17.63 -3.05
CA ASN B 6 4.12 17.20 -1.80
C ASN B 6 4.00 18.30 -0.76
N TYR B 7 3.33 18.00 0.32
CA TYR B 7 3.21 18.86 1.50
C TYR B 7 3.80 18.12 2.69
N PRO B 8 5.08 18.37 3.00
CA PRO B 8 5.63 17.72 4.22
C PRO B 8 4.98 18.18 5.53
N ASN B 9 4.43 19.39 5.47
CA ASN B 9 3.51 19.98 6.44
C ASN B 9 2.67 20.98 5.68
N PHE B 10 1.75 21.65 6.39
CA PHE B 10 0.89 22.66 5.74
C PHE B 10 1.18 24.01 6.33
N GLN B 11 2.48 24.32 6.45
CA GLN B 11 2.87 25.71 6.67
C GLN B 11 2.42 26.55 5.50
N SER B 12 2.55 26.02 4.29
CA SER B 12 1.94 26.58 3.11
C SER B 12 0.74 25.74 2.71
N VAL B 13 -0.34 26.41 2.31
CA VAL B 13 -1.51 25.74 1.79
C VAL B 13 -1.83 26.25 0.40
N GLU B 14 -0.77 26.64 -0.30
CA GLU B 14 -0.90 26.97 -1.68
C GLU B 14 -1.47 25.75 -2.40
N ASP B 15 -2.41 26.00 -3.31
CA ASP B 15 -3.05 24.99 -4.15
C ASP B 15 -3.99 24.06 -3.40
N ILE B 16 -4.38 24.39 -2.20
CA ILE B 16 -5.46 23.66 -1.52
C ILE B 16 -6.69 24.56 -1.54
N THR B 17 -7.81 24.01 -1.97
CA THR B 17 -9.11 24.69 -1.95
C THR B 17 -9.88 24.22 -0.71
N PHE B 18 -10.28 25.15 0.13
CA PHE B 18 -11.08 24.83 1.33
C PHE B 18 -12.53 25.19 1.11
N GLN B 19 -13.42 24.32 1.52
CA GLN B 19 -14.85 24.61 1.52
C GLN B 19 -15.50 24.10 2.75
N GLY B 20 -16.71 24.61 3.03
CA GLY B 20 -17.42 24.25 4.21
C GLY B 20 -16.64 24.69 5.45
N GLY B 21 -16.56 23.86 6.46
CA GLY B 21 -15.90 24.16 7.71
C GLY B 21 -14.44 23.82 7.79
N ALA B 22 -13.79 23.48 6.70
CA ALA B 22 -12.36 23.16 6.73
C ALA B 22 -11.50 24.40 6.61
N SER B 23 -10.30 24.36 7.24
CA SER B 23 -9.43 25.51 7.20
C SER B 23 -7.99 25.08 7.56
N PRO B 24 -7.02 25.92 7.24
CA PRO B 24 -5.66 25.74 7.74
C PRO B 24 -5.56 26.07 9.21
N ARG B 25 -4.96 25.22 10.04
CA ARG B 25 -4.78 25.53 11.46
C ARG B 25 -3.50 24.93 11.97
N ASN B 26 -2.66 25.71 12.60
CA ASN B 26 -1.47 25.14 13.33
C ASN B 26 -0.69 24.21 12.40
N GLU B 27 -0.55 24.66 11.13
CA GLU B 27 0.24 24.00 10.06
C GLU B 27 -0.29 22.62 9.62
N THR B 28 -1.58 22.43 9.80
CA THR B 28 -2.30 21.24 9.40
C THR B 28 -3.55 21.62 8.62
N LEU B 29 -4.19 20.64 8.00
CA LEU B 29 -5.56 20.83 7.47
C LEU B 29 -6.53 20.40 8.54
N GLN B 30 -7.35 21.33 9.02
CA GLN B 30 -8.39 21.06 10.01
C GLN B 30 -9.71 20.87 9.26
N LEU B 31 -10.25 19.66 9.26
CA LEU B 31 -11.35 19.36 8.34
C LEU B 31 -12.72 19.83 8.80
N THR B 32 -12.90 19.96 10.10
CA THR B 32 -14.15 20.45 10.67
C THR B 32 -13.83 21.53 11.68
N PRO B 33 -14.75 22.46 11.94
CA PRO B 33 -14.40 23.67 12.66
C PRO B 33 -14.53 23.53 14.14
N THR B 34 -13.83 24.43 14.83
CA THR B 34 -13.90 24.58 16.25
C THR B 34 -14.24 26.04 16.58
N ASP B 35 -14.88 26.25 17.72
CA ASP B 35 -15.10 27.63 18.17
C ASP B 35 -13.83 28.19 18.79
N SER B 36 -13.87 29.46 19.21
CA SER B 36 -12.67 30.12 19.68
C SER B 36 -12.13 29.50 20.97
N ASN B 37 -12.94 28.70 21.68
CA ASN B 37 -12.51 27.91 22.84
C ASN B 37 -11.97 26.56 22.48
N GLY B 38 -11.91 26.24 21.21
CA GLY B 38 -11.40 24.97 20.76
C GLY B 38 -12.40 23.83 20.75
N ILE B 39 -13.70 24.13 20.97
CA ILE B 39 -14.70 23.07 21.04
C ILE B 39 -15.26 22.74 19.62
N PRO B 40 -15.23 21.45 19.24
CA PRO B 40 -15.77 21.07 17.93
C PRO B 40 -17.22 21.52 17.77
N ILE B 41 -17.52 22.13 16.62
CA ILE B 41 -18.87 22.59 16.31
C ILE B 41 -19.64 21.42 15.71
N ARG B 42 -20.79 21.13 16.30
CA ARG B 42 -21.62 19.99 15.83
C ARG B 42 -22.25 20.26 14.49
N GLN B 43 -22.51 19.18 13.74
CA GLN B 43 -23.27 19.28 12.47
C GLN B 43 -22.56 20.19 11.50
N ARG B 44 -21.30 19.90 11.18
CA ARG B 44 -20.55 20.63 10.16
C ARG B 44 -19.76 19.67 9.28
N ALA B 45 -19.61 20.00 8.02
CA ALA B 45 -18.76 19.27 7.10
C ALA B 45 -17.76 20.23 6.49
N GLY B 46 -16.59 19.71 6.11
CA GLY B 46 -15.57 20.52 5.42
C GLY B 46 -14.79 19.69 4.45
N HIS B 47 -14.34 20.37 3.37
CA HIS B 47 -13.47 19.76 2.36
C HIS B 47 -12.18 20.55 2.25
N ALA B 48 -11.09 19.83 2.02
CA ALA B 48 -9.79 20.43 1.67
C ALA B 48 -9.27 19.62 0.48
N VAL B 49 -9.23 20.26 -0.70
CA VAL B 49 -9.06 19.55 -1.98
C VAL B 49 -7.85 20.12 -2.70
N TYR B 50 -7.04 19.28 -3.31
CA TYR B 50 -5.96 19.79 -4.16
C TYR B 50 -6.58 20.43 -5.38
N SER B 51 -6.20 21.68 -5.71
CA SER B 51 -6.99 22.44 -6.68
C SER B 51 -6.84 22.00 -8.11
N GLN B 52 -5.71 21.36 -8.48
CA GLN B 52 -5.52 21.01 -9.88
C GLN B 52 -6.11 19.64 -10.19
N PRO B 53 -6.88 19.55 -11.25
CA PRO B 53 -7.43 18.26 -11.62
C PRO B 53 -6.49 17.34 -12.33
N PHE B 54 -6.82 16.07 -12.38
CA PHE B 54 -6.13 15.07 -13.17
C PHE B 54 -7.18 14.20 -13.85
N GLN B 55 -6.75 13.40 -14.77
CA GLN B 55 -7.63 12.43 -15.43
C GLN B 55 -7.18 11.01 -15.05
N LEU B 56 -8.13 10.07 -15.20
CA LEU B 56 -7.91 8.70 -14.80
C LEU B 56 -7.70 7.70 -15.91
N ARG B 57 -7.98 8.04 -17.15
CA ARG B 57 -7.79 7.07 -18.25
C ARG B 57 -6.30 6.74 -18.26
N ASP B 58 -6.01 5.46 -18.33
CA ASP B 58 -4.61 4.99 -18.46
C ASP B 58 -3.70 5.59 -17.39
N THR B 59 -4.14 5.65 -16.14
CA THR B 59 -3.43 6.27 -15.03
C THR B 59 -3.39 5.38 -13.81
N SER B 60 -2.24 5.38 -13.13
CA SER B 60 -2.12 4.86 -11.78
C SER B 60 -1.75 6.01 -10.86
N PHE B 61 -2.05 5.87 -9.55
CA PHE B 61 -1.62 6.90 -8.63
C PHE B 61 -1.27 6.30 -7.31
N TYR B 62 -0.42 7.04 -6.55
CA TYR B 62 -0.05 6.73 -5.20
C TYR B 62 -0.19 7.99 -4.38
N THR B 63 -0.79 7.91 -3.19
CA THR B 63 -0.84 9.04 -2.27
C THR B 63 -0.65 8.54 -0.87
N THR B 64 0.00 9.38 -0.04
CA THR B 64 0.16 9.06 1.35
C THR B 64 -0.07 10.33 2.16
N PHE B 65 -0.58 10.15 3.39
CA PHE B 65 -0.83 11.28 4.26
C PHE B 65 -0.70 10.79 5.69
N THR B 66 -0.46 11.77 6.59
CA THR B 66 -0.50 11.50 8.01
C THR B 66 -1.66 12.28 8.61
N PHE B 67 -2.23 11.74 9.68
CA PHE B 67 -3.43 12.31 10.25
C PHE B 67 -3.49 12.10 11.74
N VAL B 68 -4.28 12.95 12.39
CA VAL B 68 -4.61 12.79 13.82
C VAL B 68 -6.12 13.00 13.96
N ILE B 69 -6.75 12.19 14.78
CA ILE B 69 -8.11 12.43 15.22
C ILE B 69 -8.04 12.87 16.67
N ARG B 70 -8.57 14.05 16.98
CA ARG B 70 -8.62 14.55 18.34
C ARG B 70 -10.04 14.41 18.84
N THR B 71 -10.20 13.56 19.84
CA THR B 71 -11.49 13.28 20.43
C THR B 71 -11.54 13.92 21.77
N THR B 72 -12.74 14.33 22.15
CA THR B 72 -12.97 14.98 23.42
C THR B 72 -14.10 14.27 24.17
N SER B 73 -14.46 13.07 23.74
CA SER B 73 -15.31 12.18 24.46
C SER B 73 -15.23 10.73 23.98
N ASN B 74 -15.91 9.83 24.71
CA ASN B 74 -15.99 8.43 24.35
C ASN B 74 -16.84 8.11 23.18
N SER B 75 -17.62 9.10 22.71
CA SER B 75 -18.52 8.89 21.60
C SER B 75 -18.33 10.03 20.54
N PRO B 76 -17.16 10.01 19.90
CA PRO B 76 -16.90 10.99 18.84
C PRO B 76 -17.73 10.66 17.59
N ALA B 77 -17.95 11.67 16.76
CA ALA B 77 -18.55 11.45 15.44
C ALA B 77 -18.12 12.57 14.54
N ASP B 78 -17.97 12.38 13.23
CA ASP B 78 -18.29 11.17 12.46
C ASP B 78 -17.14 10.50 11.73
N GLY B 79 -16.03 11.20 11.59
CA GLY B 79 -14.86 10.71 10.90
C GLY B 79 -14.49 11.57 9.70
N PHE B 80 -13.69 10.98 8.81
CA PHE B 80 -13.26 11.69 7.63
C PHE B 80 -12.93 10.68 6.55
N ALA B 81 -12.69 11.21 5.34
CA ALA B 81 -12.31 10.36 4.23
C ALA B 81 -11.33 11.12 3.31
N ILE B 82 -10.48 10.36 2.63
CA ILE B 82 -9.84 10.86 1.40
C ILE B 82 -10.72 10.43 0.25
N PHE B 83 -10.93 11.31 -0.73
CA PHE B 83 -11.91 11.05 -1.79
C PHE B 83 -11.48 11.65 -3.09
N ILE B 84 -12.04 11.05 -4.16
CA ILE B 84 -11.95 11.58 -5.52
C ILE B 84 -13.36 11.85 -6.01
N ALA B 85 -13.50 12.97 -6.76
CA ALA B 85 -14.79 13.39 -7.24
C ALA B 85 -14.64 14.22 -8.51
N PRO B 86 -15.71 14.34 -9.31
CA PRO B 86 -15.70 15.12 -10.52
C PRO B 86 -15.78 16.58 -10.22
N PRO B 87 -15.71 17.44 -11.27
CA PRO B 87 -15.70 18.88 -11.06
C PRO B 87 -16.90 19.38 -10.31
N ASP B 88 -16.67 20.44 -9.55
CA ASP B 88 -17.78 21.13 -8.89
C ASP B 88 -18.42 20.29 -7.83
N PHE B 89 -17.78 19.21 -7.34
CA PHE B 89 -18.38 18.44 -6.25
C PHE B 89 -18.52 19.31 -5.01
N PRO B 90 -19.72 19.48 -4.50
CA PRO B 90 -19.93 20.43 -3.36
C PRO B 90 -19.71 19.71 -2.04
N VAL B 91 -19.66 20.51 -0.97
CA VAL B 91 -19.75 19.96 0.36
C VAL B 91 -21.19 19.48 0.58
N LYS B 92 -21.32 18.19 0.87
CA LYS B 92 -22.63 17.57 1.11
C LYS B 92 -22.91 17.46 2.58
N ARG B 93 -23.77 16.54 2.97
CA ARG B 93 -24.34 16.63 4.33
C ARG B 93 -23.30 16.28 5.44
N TYR B 94 -23.43 16.98 6.56
CA TYR B 94 -22.72 16.71 7.77
C TYR B 94 -23.21 15.38 8.40
N GLY B 95 -22.68 15.11 9.59
CA GLY B 95 -22.97 13.84 10.24
C GLY B 95 -22.44 12.64 9.52
N GLY B 96 -23.18 11.53 9.56
CA GLY B 96 -22.68 10.28 9.08
C GLY B 96 -22.48 10.20 7.61
N TYR B 97 -22.97 11.18 6.87
CA TYR B 97 -22.76 11.30 5.43
C TYR B 97 -21.35 11.76 5.09
N LEU B 98 -20.57 12.21 6.11
CA LEU B 98 -19.14 12.47 5.94
C LEU B 98 -18.86 13.60 4.96
N GLY B 99 -19.84 14.48 4.71
CA GLY B 99 -19.67 15.53 3.75
C GLY B 99 -19.67 15.12 2.29
N LEU B 100 -20.04 13.84 2.05
CA LEU B 100 -19.91 13.25 0.71
C LEU B 100 -21.18 12.78 0.08
N PHE B 101 -22.29 12.77 0.83
CA PHE B 101 -23.58 12.24 0.38
C PHE B 101 -24.70 13.10 0.92
N GLU B 102 -25.87 12.96 0.31
CA GLU B 102 -27.13 13.55 0.79
C GLU B 102 -28.08 12.45 1.23
N PRO B 103 -28.97 12.75 2.20
CA PRO B 103 -29.79 11.67 2.79
C PRO B 103 -30.53 10.82 1.85
N ASN B 104 -31.21 11.40 0.92
CA ASN B 104 -32.15 10.51 0.19
C ASN B 104 -31.53 9.55 -0.78
N THR B 105 -30.25 9.78 -1.11
CA THR B 105 -29.55 9.01 -2.11
C THR B 105 -28.24 8.44 -1.62
N ALA B 106 -27.96 8.50 -0.34
CA ALA B 106 -26.66 8.14 0.18
C ALA B 106 -26.27 6.67 -0.07
N THR B 107 -27.28 5.80 -0.17
CA THR B 107 -27.01 4.37 -0.34
C THR B 107 -27.24 3.89 -1.76
N ASN B 108 -27.50 4.81 -2.69
CA ASN B 108 -27.88 4.49 -4.06
C ASN B 108 -26.68 4.67 -5.00
N THR B 109 -26.10 3.57 -5.44
CA THR B 109 -24.91 3.66 -6.27
C THR B 109 -25.17 4.21 -7.65
N SER B 110 -26.46 4.31 -8.05
CA SER B 110 -26.82 4.92 -9.29
C SER B 110 -27.01 6.41 -9.19
N ALA B 111 -26.81 7.02 -7.99
CA ALA B 111 -27.06 8.43 -7.76
C ALA B 111 -25.87 9.16 -7.20
N ASN B 112 -24.67 8.59 -7.18
CA ASN B 112 -23.46 9.22 -6.67
C ASN B 112 -22.33 8.88 -7.58
N LYS B 113 -21.37 9.81 -7.66
CA LYS B 113 -20.08 9.54 -8.31
C LYS B 113 -18.99 10.08 -7.40
N VAL B 114 -18.52 9.26 -6.50
CA VAL B 114 -17.51 9.61 -5.48
C VAL B 114 -16.93 8.32 -4.98
N VAL B 115 -15.59 8.31 -4.87
CA VAL B 115 -14.87 7.13 -4.38
C VAL B 115 -14.01 7.61 -3.22
N ALA B 116 -14.02 6.85 -2.12
CA ALA B 116 -13.36 7.33 -0.90
C ALA B 116 -12.81 6.19 -0.10
N VAL B 117 -11.81 6.52 0.74
CA VAL B 117 -11.39 5.66 1.86
C VAL B 117 -11.78 6.41 3.12
N GLU B 118 -12.72 5.82 3.88
CA GLU B 118 -13.28 6.44 5.08
C GLU B 118 -12.70 5.86 6.35
N PHE B 119 -12.67 6.75 7.33
CA PHE B 119 -12.22 6.48 8.69
C PHE B 119 -13.43 6.87 9.55
N ASP B 120 -14.22 5.85 9.93
CA ASP B 120 -15.57 6.08 10.44
C ASP B 120 -15.63 5.84 11.94
N THR B 121 -15.84 6.93 12.70
CA THR B 121 -15.81 6.86 14.14
C THR B 121 -17.17 6.66 14.80
N TRP B 122 -18.27 6.65 14.05
CA TRP B 122 -19.63 6.59 14.61
C TRP B 122 -20.41 5.54 13.85
N VAL B 123 -20.85 4.51 14.55
CA VAL B 123 -21.65 3.47 13.90
C VAL B 123 -23.07 3.98 13.69
N ASN B 124 -23.43 4.17 12.41
CA ASN B 124 -24.76 4.65 12.09
C ASN B 124 -25.77 3.54 12.08
N THR B 125 -26.97 3.85 12.57
CA THR B 125 -28.12 2.95 12.51
C THR B 125 -28.92 3.17 11.23
N GLU B 126 -28.72 4.31 10.55
CA GLU B 126 -29.56 4.72 9.44
C GLU B 126 -29.30 3.99 8.11
N TRP B 127 -28.18 3.28 8.04
CA TRP B 127 -27.81 2.45 6.90
C TRP B 127 -26.95 1.33 7.42
N LYS B 128 -26.64 0.35 6.56
CA LYS B 128 -25.80 -0.77 6.95
C LYS B 128 -24.36 -0.35 7.19
N GLU B 129 -23.88 -0.64 8.40
N GLU B 129 -23.89 -0.61 8.38
CA GLU B 129 -22.52 -0.37 8.89
CA GLU B 129 -22.48 -0.59 8.58
C GLU B 129 -22.16 -1.54 9.74
C GLU B 129 -22.12 -1.48 9.76
N PRO B 130 -20.87 -1.83 9.87
CA PRO B 130 -20.48 -2.77 10.93
C PRO B 130 -20.79 -2.21 12.31
N ARG B 131 -20.88 -3.09 13.32
CA ARG B 131 -21.23 -2.70 14.67
C ARG B 131 -20.10 -2.09 15.49
N TYR B 132 -19.00 -1.74 14.85
CA TYR B 132 -17.82 -1.20 15.49
C TYR B 132 -17.28 -0.10 14.57
N ARG B 133 -16.39 0.73 15.10
CA ARG B 133 -15.69 1.71 14.27
C ARG B 133 -14.87 0.96 13.23
N HIS B 134 -14.72 1.60 12.05
CA HIS B 134 -14.23 0.89 10.89
C HIS B 134 -13.60 1.81 9.88
N ILE B 135 -12.73 1.20 9.06
CA ILE B 135 -12.13 1.83 7.89
C ILE B 135 -12.75 1.13 6.69
N GLY B 136 -13.12 1.88 5.65
CA GLY B 136 -13.80 1.30 4.50
C GLY B 136 -13.41 1.97 3.20
N ILE B 137 -13.63 1.21 2.10
CA ILE B 137 -13.62 1.74 0.75
C ILE B 137 -15.08 1.96 0.36
N ASP B 138 -15.37 3.20 -0.09
CA ASP B 138 -16.72 3.59 -0.53
C ASP B 138 -16.67 3.84 -2.04
N VAL B 139 -17.61 3.22 -2.78
CA VAL B 139 -17.76 3.47 -4.20
C VAL B 139 -19.20 3.87 -4.42
N ASN B 140 -19.45 5.18 -4.52
CA ASN B 140 -20.79 5.67 -4.88
C ASN B 140 -21.88 5.42 -3.87
N SER B 141 -21.49 5.14 -2.62
CA SER B 141 -22.46 4.89 -1.54
C SER B 141 -21.76 5.04 -0.21
N ILE B 142 -22.51 5.46 0.82
CA ILE B 142 -22.00 5.52 2.19
C ILE B 142 -21.91 4.13 2.84
N VAL B 143 -22.50 3.11 2.20
CA VAL B 143 -22.35 1.72 2.67
C VAL B 143 -21.12 1.16 1.97
N SER B 144 -20.05 0.99 2.73
CA SER B 144 -18.76 0.61 2.16
C SER B 144 -18.82 -0.73 1.40
N VAL B 145 -18.11 -0.80 0.28
CA VAL B 145 -17.97 -2.03 -0.49
C VAL B 145 -17.00 -3.01 0.16
N ARG B 146 -16.04 -2.49 0.91
CA ARG B 146 -15.04 -3.28 1.60
C ARG B 146 -14.80 -2.55 2.91
N VAL B 147 -14.87 -3.27 4.03
CA VAL B 147 -14.83 -2.62 5.34
C VAL B 147 -14.18 -3.54 6.35
N THR B 148 -13.44 -2.95 7.30
CA THR B 148 -12.77 -3.68 8.33
C THR B 148 -12.83 -2.94 9.64
N ARG B 149 -12.70 -3.71 10.73
CA ARG B 149 -12.68 -3.13 12.07
C ARG B 149 -11.49 -2.22 12.26
N TRP B 150 -11.72 -1.05 12.86
CA TRP B 150 -10.71 -0.09 13.25
C TRP B 150 -10.65 -0.18 14.78
N GLN B 151 -9.51 -0.60 15.30
CA GLN B 151 -9.46 -0.87 16.76
C GLN B 151 -9.57 0.42 17.54
N ASP B 152 -10.31 0.39 18.65
CA ASP B 152 -10.52 1.58 19.42
C ASP B 152 -9.17 2.08 19.97
N LYS B 153 -8.25 1.18 20.31
CA LYS B 153 -6.98 1.66 20.79
C LYS B 153 -6.30 2.60 19.80
N ASP B 154 -6.44 2.30 18.51
CA ASP B 154 -5.87 3.17 17.47
C ASP B 154 -6.73 4.45 17.27
N VAL B 155 -8.06 4.28 17.25
CA VAL B 155 -8.94 5.43 17.12
C VAL B 155 -8.58 6.54 18.13
N PHE B 156 -8.44 6.13 19.39
CA PHE B 156 -8.29 7.07 20.51
C PHE B 156 -6.82 7.31 20.89
N SER B 157 -5.88 6.84 20.09
CA SER B 157 -4.45 6.93 20.44
C SER B 157 -3.87 8.32 20.51
N ARG B 158 -4.43 9.27 19.76
CA ARG B 158 -3.81 10.59 19.60
C ARG B 158 -2.52 10.51 18.80
N SER B 159 -2.27 9.37 18.15
CA SER B 159 -1.04 9.22 17.40
C SER B 159 -1.17 9.87 16.04
N ILE B 160 -0.03 10.21 15.46
CA ILE B 160 -0.01 10.58 14.07
C ILE B 160 0.07 9.25 13.30
N ALA B 161 -1.03 8.92 12.65
CA ALA B 161 -1.15 7.69 11.84
C ALA B 161 -0.81 7.97 10.39
N THR B 162 -0.52 6.92 9.63
CA THR B 162 -0.18 7.05 8.23
C THR B 162 -1.17 6.25 7.38
N ALA B 163 -1.58 6.82 6.26
CA ALA B 163 -2.33 6.08 5.25
C ALA B 163 -1.58 6.11 3.94
N HIS B 164 -1.68 5.01 3.20
CA HIS B 164 -1.14 4.87 1.84
C HIS B 164 -2.33 4.43 1.00
N VAL B 165 -2.63 5.15 -0.08
CA VAL B 165 -3.72 4.79 -0.98
C VAL B 165 -3.15 4.72 -2.39
N GLY B 166 -3.40 3.62 -3.06
CA GLY B 166 -2.89 3.46 -4.42
C GLY B 166 -3.94 2.91 -5.32
N TYR B 167 -3.83 3.30 -6.60
CA TYR B 167 -4.72 2.81 -7.66
C TYR B 167 -3.85 2.30 -8.78
N ASP B 168 -4.04 1.01 -9.09
CA ASP B 168 -3.39 0.37 -10.21
C ASP B 168 -4.32 0.42 -11.41
N GLY B 169 -4.00 1.30 -12.37
CA GLY B 169 -4.87 1.51 -13.52
C GLY B 169 -4.84 0.38 -14.54
N ILE B 170 -3.91 -0.55 -14.43
CA ILE B 170 -3.95 -1.72 -15.31
C ILE B 170 -4.90 -2.77 -14.72
N SER B 171 -4.74 -3.11 -13.45
CA SER B 171 -5.59 -4.15 -12.88
C SER B 171 -6.93 -3.59 -12.37
N LYS B 172 -7.09 -2.26 -12.31
CA LYS B 172 -8.32 -1.59 -11.85
C LYS B 172 -8.58 -1.91 -10.39
N ILE B 173 -7.56 -1.66 -9.53
CA ILE B 173 -7.64 -1.97 -8.14
C ILE B 173 -7.20 -0.82 -7.29
N LEU B 174 -8.08 -0.47 -6.35
CA LEU B 174 -7.82 0.55 -5.31
C LEU B 174 -7.47 -0.14 -4.00
N THR B 175 -6.34 0.29 -3.38
CA THR B 175 -5.89 -0.30 -2.13
C THR B 175 -5.54 0.80 -1.12
N ALA B 176 -5.89 0.50 0.13
CA ALA B 176 -5.46 1.33 1.28
C ALA B 176 -4.71 0.48 2.27
N PHE B 177 -3.54 1.01 2.72
CA PHE B 177 -2.82 0.50 3.89
C PHE B 177 -2.79 1.61 4.93
N VAL B 178 -3.18 1.28 6.14
CA VAL B 178 -3.13 2.29 7.25
C VAL B 178 -2.33 1.71 8.37
N THR B 179 -1.43 2.53 8.91
CA THR B 179 -0.53 2.07 9.96
C THR B 179 -0.54 3.02 11.13
N TYR B 180 -0.42 2.47 12.31
CA TYR B 180 -0.27 3.24 13.57
C TYR B 180 1.07 2.91 14.21
N PRO B 181 1.77 3.92 14.73
CA PRO B 181 3.06 3.63 15.42
C PRO B 181 2.87 2.77 16.63
N ASP B 182 3.59 1.68 16.73
CA ASP B 182 3.29 0.72 17.78
C ASP B 182 1.77 0.43 17.91
N GLY B 183 1.04 0.38 16.80
CA GLY B 183 -0.37 0.01 16.87
C GLY B 183 -0.81 -0.85 15.68
N GLY B 184 -2.09 -0.79 15.25
CA GLY B 184 -2.57 -1.66 14.24
C GLY B 184 -2.17 -1.27 12.84
N ASN B 185 -2.20 -2.26 11.97
CA ASN B 185 -2.05 -2.14 10.55
C ASN B 185 -3.34 -2.65 9.89
N TYR B 186 -3.75 -2.00 8.79
CA TYR B 186 -5.01 -2.27 8.12
C TYR B 186 -4.78 -2.35 6.61
N VAL B 187 -5.42 -3.32 5.97
CA VAL B 187 -5.27 -3.54 4.53
C VAL B 187 -6.65 -3.74 3.93
N LEU B 188 -6.98 -2.93 2.91
CA LEU B 188 -8.24 -3.07 2.17
C LEU B 188 -8.00 -2.86 0.71
N SER B 189 -8.58 -3.71 -0.13
CA SER B 189 -8.48 -3.57 -1.57
C SER B 189 -9.80 -3.87 -2.26
N HIS B 190 -10.01 -3.25 -3.40
CA HIS B 190 -11.26 -3.44 -4.15
C HIS B 190 -11.04 -3.24 -5.62
N VAL B 191 -11.64 -4.10 -6.44
CA VAL B 191 -11.63 -3.94 -7.91
C VAL B 191 -12.66 -2.91 -8.31
N VAL B 192 -12.23 -1.85 -8.95
CA VAL B 192 -13.12 -0.79 -9.46
C VAL B 192 -12.41 -0.06 -10.61
N ASP B 193 -13.11 0.08 -11.74
CA ASP B 193 -12.56 0.78 -12.93
C ASP B 193 -12.89 2.26 -12.79
N LEU B 194 -11.96 3.02 -12.21
CA LEU B 194 -12.21 4.42 -11.93
C LEU B 194 -12.44 5.27 -13.16
N ALA B 195 -11.76 4.93 -14.28
CA ALA B 195 -11.95 5.75 -15.46
C ALA B 195 -13.34 5.64 -16.05
N GLU B 196 -14.02 4.54 -15.77
CA GLU B 196 -15.41 4.44 -16.18
C GLU B 196 -16.37 5.27 -15.32
N ILE B 197 -16.07 5.39 -14.04
CA ILE B 197 -16.89 6.24 -13.15
C ILE B 197 -16.64 7.69 -13.52
N PHE B 198 -15.36 8.01 -13.72
CA PHE B 198 -14.89 9.39 -13.86
C PHE B 198 -14.21 9.55 -15.21
N PRO B 199 -14.97 9.93 -16.25
CA PRO B 199 -14.38 9.96 -17.61
C PRO B 199 -13.72 11.28 -17.92
N GLY B 200 -13.79 12.29 -17.06
CA GLY B 200 -13.16 13.57 -17.31
C GLY B 200 -12.24 13.97 -16.16
N ASP B 201 -12.31 15.22 -15.73
CA ASP B 201 -11.45 15.69 -14.67
C ASP B 201 -11.90 15.05 -13.32
N VAL B 202 -10.93 14.84 -12.45
CA VAL B 202 -11.19 14.55 -11.03
C VAL B 202 -10.24 15.38 -10.21
N ARG B 203 -10.67 15.60 -8.97
CA ARG B 203 -9.82 16.15 -7.92
C ARG B 203 -9.79 15.21 -6.76
N ILE B 204 -8.66 15.26 -6.03
CA ILE B 204 -8.48 14.48 -4.80
C ILE B 204 -8.38 15.39 -3.62
N GLY B 205 -8.91 14.93 -2.46
CA GLY B 205 -8.95 15.72 -1.27
C GLY B 205 -9.53 14.97 -0.12
N PHE B 206 -9.84 15.75 0.93
CA PHE B 206 -10.32 15.23 2.18
C PHE B 206 -11.65 15.83 2.54
N SER B 207 -12.54 15.04 3.14
CA SER B 207 -13.82 15.50 3.67
C SER B 207 -13.94 15.01 5.09
N GLY B 208 -14.32 15.91 6.01
CA GLY B 208 -14.58 15.53 7.39
C GLY B 208 -15.95 15.99 7.82
N ALA B 209 -16.51 15.36 8.83
CA ALA B 209 -17.80 15.82 9.34
C ALA B 209 -17.94 15.54 10.81
N THR B 210 -18.70 16.43 11.45
CA THR B 210 -19.28 16.25 12.76
C THR B 210 -20.81 16.17 12.58
N GLY B 211 -21.56 15.65 13.54
CA GLY B 211 -21.08 14.87 14.64
C GLY B 211 -20.83 15.67 15.91
N GLN B 212 -19.83 15.29 16.69
CA GLN B 212 -19.62 15.84 18.02
C GLN B 212 -18.25 15.38 18.56
N TYR B 213 -17.61 16.25 19.34
CA TYR B 213 -16.50 15.86 20.22
C TYR B 213 -15.32 15.28 19.38
N GLU B 214 -15.10 15.78 18.16
CA GLU B 214 -14.08 15.26 17.31
C GLU B 214 -13.66 16.32 16.35
N THR B 215 -12.33 16.39 16.09
CA THR B 215 -11.75 17.17 15.03
C THR B 215 -10.70 16.31 14.32
N GLN B 216 -10.66 16.38 13.00
CA GLN B 216 -9.82 15.59 12.15
C GLN B 216 -8.79 16.48 11.52
N TYR B 217 -7.50 16.10 11.58
CA TYR B 217 -6.38 16.93 11.10
C TYR B 217 -5.50 16.12 10.15
N ILE B 218 -5.14 16.73 9.02
CA ILE B 218 -4.16 16.13 8.11
C ILE B 218 -2.83 16.90 8.33
N HIS B 219 -1.78 16.15 8.60
CA HIS B 219 -0.48 16.70 8.93
C HIS B 219 0.51 16.80 7.79
N SER B 220 0.39 15.90 6.80
CA SER B 220 1.28 15.90 5.65
C SER B 220 0.56 15.13 4.57
N TRP B 221 0.99 15.33 3.31
CA TRP B 221 0.30 14.71 2.17
C TRP B 221 1.17 14.79 0.94
N SER B 222 1.33 13.67 0.22
CA SER B 222 1.99 13.69 -1.07
C SER B 222 1.21 12.80 -2.04
N PHE B 223 1.41 13.04 -3.33
CA PHE B 223 0.67 12.37 -4.39
C PHE B 223 1.51 12.31 -5.63
N SER B 224 1.41 11.19 -6.37
CA SER B 224 1.96 11.12 -7.71
C SER B 224 1.05 10.25 -8.58
N SER B 225 0.84 10.68 -9.81
CA SER B 225 0.14 9.89 -10.81
C SER B 225 1.03 9.72 -12.03
N THR B 226 0.86 8.58 -12.71
CA THR B 226 1.65 8.27 -13.90
C THR B 226 0.79 7.59 -14.92
N SER B 227 1.14 7.77 -16.18
CA SER B 227 0.48 7.05 -17.27
C SER B 227 0.87 5.58 -17.27
N THR B 228 -0.11 4.69 -17.54
CA THR B 228 0.20 3.28 -17.70
C THR B 228 0.61 2.93 -19.12
N ASN B 229 0.58 3.89 -20.06
CA ASN B 229 1.36 3.78 -21.32
C ASN B 229 2.87 3.92 -21.11
C ACE C 1 21.13 -15.36 -25.87
O ACE C 1 21.25 -14.29 -25.27
CH3 ACE C 1 21.22 -15.48 -27.36
N SER C 2 20.95 -16.52 -25.21
CA SER C 2 20.93 -16.55 -23.73
C SER C 2 22.29 -16.11 -23.17
N SER C 3 22.25 -15.52 -21.98
CA SER C 3 23.46 -15.15 -21.28
C SER C 3 24.17 -16.32 -20.57
N VAL C 4 23.53 -17.47 -20.47
CA VAL C 4 24.11 -18.63 -19.76
C VAL C 4 25.28 -19.26 -20.55
C ACE D 1 -32.31 6.06 15.65
O ACE D 1 -31.17 6.04 16.11
CH3 ACE D 1 -33.40 5.09 16.11
N SER D 2 -32.65 6.91 14.69
CA SER D 2 -31.65 7.87 14.06
C SER D 2 -31.24 8.98 15.04
N SER D 3 -29.99 9.41 14.93
CA SER D 3 -29.54 10.60 15.61
C SER D 3 -29.99 11.92 14.99
N VAL D 4 -30.71 11.89 13.87
CA VAL D 4 -31.31 13.09 13.20
C VAL D 4 -32.84 13.13 13.46
N GLY D 5 -33.38 14.31 13.69
CA GLY D 5 -34.86 14.60 13.69
C GLY D 5 -35.30 14.54 15.11
CA CA E . 11.06 -10.20 -14.63
CA CA F . 15.05 -10.66 -15.39
C1 EDO G . -2.39 -6.66 8.73
O1 EDO G . -2.11 -6.45 10.09
C2 EDO G . -3.70 -7.06 8.27
O2 EDO G . -4.70 -6.45 9.11
C1 EDO H . 15.36 -23.86 9.79
O1 EDO H . 16.55 -24.37 9.03
C2 EDO H . 14.55 -22.65 9.92
O2 EDO H . 14.17 -22.98 11.26
C1 EDO I . 11.23 -29.49 -8.66
O1 EDO I . 10.47 -30.60 -9.14
C2 EDO I . 10.99 -28.15 -9.36
O2 EDO I . 11.91 -27.15 -8.86
C1 EDO J . 2.26 -24.73 1.51
O1 EDO J . 2.65 -25.82 2.31
C2 EDO J . 0.75 -24.58 1.71
O2 EDO J . 0.14 -25.62 0.85
C1 EDO K . 2.00 1.00 -12.36
O1 EDO K . 0.70 1.00 -11.84
C2 EDO K . 2.69 2.30 -12.07
O2 EDO K . 3.05 2.41 -10.68
CA CA L . -19.09 3.65 7.53
CA CA M . -20.67 6.13 10.36
C1 EDO N . 2.26 5.35 -9.32
O1 EDO N . 3.17 4.98 -10.37
C2 EDO N . 2.22 6.81 -9.34
O2 EDO N . 3.43 7.34 -8.90
C1 EDO O . -25.70 20.21 2.38
O1 EDO O . -26.55 19.11 2.58
C2 EDO O . -25.88 21.33 3.40
O2 EDO O . -25.87 20.90 4.73
C1 EDO P . 2.86 21.36 -3.71
O1 EDO P . 3.77 20.34 -4.16
C2 EDO P . 2.64 22.51 -4.72
O2 EDO P . 1.28 22.53 -5.26
C1 GOL Q . -18.91 26.46 7.32
O1 GOL Q . -20.14 26.51 6.58
C2 GOL Q . -18.81 27.38 8.54
O2 GOL Q . -18.33 28.80 8.40
C3 GOL Q . -18.09 26.43 9.54
O3 GOL Q . -16.79 26.99 9.98
CL CL R . -20.06 27.73 11.98
C1 EDO S . -6.10 8.57 14.80
O1 EDO S . -6.91 7.61 14.97
C2 EDO S . -5.49 9.04 16.05
O2 EDO S . -4.95 10.06 15.90
C1 EDO T . -7.64 -6.36 7.83
O1 EDO T . -6.57 -5.41 7.63
C2 EDO T . -8.56 -6.42 6.65
O2 EDO T . -7.94 -7.01 5.50
O5 A2G U . 23.58 -13.99 -17.49
C1 A2G U . 22.65 -14.85 -18.05
C2 A2G U . 21.37 -14.90 -17.22
N2 A2G U . 20.37 -15.75 -17.89
C3 A2G U . 20.84 -13.51 -16.92
O3 A2G U . 19.71 -13.67 -16.07
C4 A2G U . 21.92 -12.64 -16.32
O4 A2G U . 22.39 -13.16 -15.07
C5 A2G U . 23.10 -12.61 -17.27
C6 A2G U . 24.27 -11.84 -16.75
O6 A2G U . 25.35 -11.80 -17.72
C7 A2G U . 19.66 -16.66 -17.20
O7 A2G U . 19.79 -16.84 -15.99
C8 A2G U . 18.69 -17.47 -18.02
O5 A2G V . -25.94 12.30 15.11
C1 A2G V . -26.79 11.71 14.13
C2 A2G V . -25.96 11.35 12.89
N2 A2G V . -26.82 10.64 11.94
C3 A2G V . -24.74 10.49 13.27
O3 A2G V . -23.97 10.27 12.08
C4 A2G V . -23.92 11.18 14.35
O4 A2G V . -23.42 12.47 13.88
C5 A2G V . -24.84 11.48 15.54
C6 A2G V . -24.12 12.20 16.65
O6 A2G V . -25.03 12.34 17.77
C7 A2G V . -26.82 10.91 10.62
O7 A2G V . -26.06 11.80 10.15
C8 A2G V . -27.73 10.14 9.75
#